data_2ABH
#
_entry.id   2ABH
#
_cell.length_a   41.970
_cell.length_b   63.980
_cell.length_c   123.970
_cell.angle_alpha   90.00
_cell.angle_beta   90.00
_cell.angle_gamma   90.00
#
_symmetry.space_group_name_H-M   'P 21 21 21'
#
loop_
_entity.id
_entity.type
_entity.pdbx_description
1 polymer 'PHOSPHATE-BINDING PROTEIN'
2 non-polymer 'PHOSPHATE ION'
3 water water
#
_entity_poly.entity_id   1
_entity_poly.type   'polypeptide(L)'
_entity_poly.pdbx_seq_one_letter_code
;EASLTGAGATFPAPVYAKWADTYQKETGNKVNYQGIGSSGGVKQIIANTVDFGASDAPLSDEKLAQEGLFQFPTVIGGVV
LAVNIPGLKSGELVLDGKTLGDIYLGKIKKWDDEAIAKLNPGLKLPSQNIAVVRRADGSGTSFVFTSYLAKVNEEWKNNV
GTGSTVKWPIGLGGKGNDGIAAFVQRLPGAIGYVEYAYAKQNNLAYTKLISADGKPVSPTEENFANAAKGADWSKTFAQD
LTNQKGEDAWPITSTTFILIHKDQKKPEQGTEVLKFFDWAYKTGAKQANDLDYASLPDSVVEQVRAAWKTNIKDSSGKPL
Y
;
_entity_poly.pdbx_strand_id   A
#
loop_
_chem_comp.id
_chem_comp.type
_chem_comp.name
_chem_comp.formula
PO4 non-polymer 'PHOSPHATE ION' 'O4 P -3'
#
# COMPACT_ATOMS: atom_id res chain seq x y z
N GLU A 1 16.34 6.45 26.18
CA GLU A 1 15.12 6.53 25.35
C GLU A 1 15.47 7.45 24.19
N ALA A 2 14.91 7.16 23.03
CA ALA A 2 15.20 7.94 21.83
C ALA A 2 13.95 8.46 21.18
N SER A 3 14.13 9.49 20.36
CA SER A 3 13.06 10.14 19.61
C SER A 3 13.48 9.93 18.17
N LEU A 4 12.59 9.31 17.42
CA LEU A 4 12.86 9.00 16.02
C LEU A 4 11.79 9.62 15.16
N THR A 5 12.14 9.96 13.93
CA THR A 5 11.15 10.53 13.04
C THR A 5 11.20 9.81 11.70
N GLY A 6 10.01 9.42 11.24
CA GLY A 6 9.89 8.76 9.94
C GLY A 6 8.84 9.52 9.14
N ALA A 7 8.87 9.38 7.82
CA ALA A 7 7.89 10.05 6.97
C ALA A 7 7.67 9.30 5.69
N GLY A 8 6.45 9.35 5.18
CA GLY A 8 6.20 8.73 3.91
C GLY A 8 4.80 8.19 3.73
N ALA A 9 4.78 7.00 3.16
CA ALA A 9 3.57 6.28 2.82
C ALA A 9 2.45 6.28 3.85
N THR A 10 1.22 6.56 3.40
CA THR A 10 0.05 6.52 4.27
C THR A 10 -0.54 5.11 4.21
N PHE A 11 -0.17 4.33 3.19
CA PHE A 11 -0.67 2.95 3.01
C PHE A 11 -0.55 2.11 4.31
N PRO A 12 0.61 2.16 5.02
CA PRO A 12 0.79 1.39 6.27
C PRO A 12 0.72 2.26 7.56
N ALA A 13 0.38 3.53 7.43
CA ALA A 13 0.32 4.44 8.58
C ALA A 13 -0.48 3.92 9.77
N PRO A 14 -1.63 3.29 9.54
CA PRO A 14 -2.38 2.81 10.71
C PRO A 14 -1.58 1.81 11.56
N VAL A 15 -0.82 0.93 10.91
CA VAL A 15 -0.04 -0.05 11.66
C VAL A 15 1.24 0.58 12.24
N TYR A 16 1.87 1.48 11.51
CA TYR A 16 3.07 2.12 12.07
C TYR A 16 2.70 2.93 13.31
N ALA A 17 1.55 3.61 13.28
CA ALA A 17 1.10 4.39 14.44
C ALA A 17 0.77 3.50 15.64
N LYS A 18 0.14 2.37 15.40
CA LYS A 18 -0.19 1.43 16.47
C LYS A 18 1.09 0.86 17.10
N TRP A 19 2.05 0.47 16.27
CA TRP A 19 3.32 -0.06 16.75
C TRP A 19 4.05 1.00 17.53
N ALA A 20 4.02 2.24 17.06
CA ALA A 20 4.70 3.32 17.74
C ALA A 20 4.11 3.57 19.15
N ASP A 21 2.80 3.55 19.24
CA ASP A 21 2.13 3.77 20.50
C ASP A 21 2.49 2.66 21.46
N THR A 22 2.45 1.43 21.01
CA THR A 22 2.79 0.31 21.88
C THR A 22 4.25 0.29 22.33
N TYR A 23 5.14 0.58 21.40
CA TYR A 23 6.58 0.62 21.65
C TYR A 23 6.89 1.69 22.71
N GLN A 24 6.21 2.81 22.65
CA GLN A 24 6.45 3.88 23.62
C GLN A 24 6.02 3.42 25.03
N LYS A 25 4.89 2.74 25.09
CA LYS A 25 4.39 2.26 26.37
C LYS A 25 5.31 1.25 27.00
N GLU A 26 5.85 0.37 26.18
CA GLU A 26 6.74 -0.67 26.67
C GLU A 26 8.17 -0.23 26.94
N THR A 27 8.69 0.69 26.14
CA THR A 27 10.11 1.09 26.26
C THR A 27 10.41 2.55 26.47
N GLY A 28 9.42 3.41 26.28
CA GLY A 28 9.63 4.85 26.43
C GLY A 28 10.15 5.54 25.17
N ASN A 29 10.63 4.77 24.19
CA ASN A 29 11.14 5.38 22.94
C ASN A 29 9.99 6.00 22.16
N LYS A 30 10.26 7.12 21.53
CA LYS A 30 9.24 7.82 20.79
C LYS A 30 9.48 7.82 19.27
N VAL A 31 8.48 7.36 18.54
CA VAL A 31 8.53 7.33 17.08
C VAL A 31 7.41 8.19 16.53
N ASN A 32 7.78 9.27 15.86
CA ASN A 32 6.82 10.18 15.25
C ASN A 32 6.81 9.87 13.76
N TYR A 33 5.67 9.47 13.25
CA TYR A 33 5.56 9.15 11.84
C TYR A 33 4.65 10.14 11.11
N GLN A 34 5.13 10.72 10.04
CA GLN A 34 4.33 11.66 9.28
C GLN A 34 3.89 11.04 7.95
N GLY A 35 2.58 10.88 7.77
CA GLY A 35 2.07 10.31 6.53
C GLY A 35 1.94 11.38 5.46
N ILE A 36 2.95 11.49 4.62
CA ILE A 36 2.94 12.51 3.58
C ILE A 36 2.91 11.92 2.16
N GLY A 37 2.76 10.61 2.04
CA GLY A 37 2.78 10.00 0.71
C GLY A 37 4.18 9.47 0.43
N SER A 38 4.27 8.40 -0.36
CA SER A 38 5.56 7.77 -0.65
C SER A 38 6.56 8.71 -1.34
N SER A 39 6.08 9.53 -2.26
CA SER A 39 7.01 10.43 -2.96
C SER A 39 7.72 11.37 -1.99
N GLY A 40 6.94 11.93 -1.07
CA GLY A 40 7.49 12.81 -0.05
C GLY A 40 8.46 12.11 0.89
N GLY A 41 8.14 10.85 1.23
CA GLY A 41 9.01 10.07 2.11
C GLY A 41 10.38 9.84 1.46
N VAL A 42 10.38 9.57 0.15
CA VAL A 42 11.64 9.37 -0.58
C VAL A 42 12.44 10.68 -0.60
N LYS A 43 11.80 11.79 -0.91
CA LYS A 43 12.49 13.08 -0.92
C LYS A 43 13.11 13.36 0.44
N GLN A 44 12.34 13.13 1.50
CA GLN A 44 12.81 13.37 2.89
C GLN A 44 14.01 12.56 3.33
N ILE A 45 14.01 11.26 3.04
CA ILE A 45 15.13 10.45 3.46
C ILE A 45 16.37 10.87 2.67
N ILE A 46 16.19 11.20 1.41
CA ILE A 46 17.34 11.62 0.62
C ILE A 46 17.87 12.97 1.13
N ALA A 47 16.96 13.86 1.54
CA ALA A 47 17.33 15.18 2.08
C ALA A 47 17.87 15.02 3.47
N ASN A 48 17.67 13.84 4.04
CA ASN A 48 18.15 13.53 5.38
C ASN A 48 17.47 14.33 6.48
N THR A 49 16.21 14.67 6.28
CA THR A 49 15.48 15.42 7.26
C THR A 49 14.71 14.50 8.24
N VAL A 50 14.80 13.18 8.03
CA VAL A 50 14.13 12.20 8.89
C VAL A 50 15.06 11.03 9.09
N ASP A 51 14.79 10.20 10.11
CA ASP A 51 15.60 8.99 10.39
C ASP A 51 15.29 7.86 9.42
N PHE A 52 14.05 7.76 8.94
CA PHE A 52 13.70 6.73 7.98
C PHE A 52 12.59 7.22 7.07
N GLY A 53 12.66 6.78 5.82
CA GLY A 53 11.64 7.12 4.85
C GLY A 53 10.76 5.89 4.62
N ALA A 54 9.56 6.09 4.09
CA ALA A 54 8.66 4.96 3.81
C ALA A 54 8.01 5.12 2.44
N SER A 55 8.03 4.07 1.64
CA SER A 55 7.45 4.13 0.30
C SER A 55 6.89 2.77 -0.09
N ASP A 56 5.69 2.72 -0.67
CA ASP A 56 5.12 1.44 -1.11
C ASP A 56 5.73 1.02 -2.45
N ALA A 57 6.23 2.01 -3.19
CA ALA A 57 6.87 1.76 -4.49
C ALA A 57 8.36 1.52 -4.21
N PRO A 58 8.90 0.36 -4.63
CA PRO A 58 10.32 0.16 -4.34
C PRO A 58 11.27 0.93 -5.27
N LEU A 59 12.44 1.25 -4.76
CA LEU A 59 13.48 1.91 -5.56
C LEU A 59 14.28 0.76 -6.19
N SER A 60 14.81 0.96 -7.39
CA SER A 60 15.64 -0.08 -8.02
C SER A 60 16.99 -0.22 -7.31
N ASP A 61 17.68 -1.32 -7.53
CA ASP A 61 18.95 -1.51 -6.86
C ASP A 61 19.95 -0.44 -7.23
N GLU A 62 19.91 0.01 -8.47
CA GLU A 62 20.83 1.04 -8.94
C GLU A 62 20.50 2.37 -8.26
N LYS A 63 19.22 2.69 -8.11
CA LYS A 63 18.80 3.93 -7.46
C LYS A 63 19.23 3.90 -5.98
N LEU A 64 19.05 2.74 -5.34
CA LEU A 64 19.45 2.56 -3.95
C LEU A 64 20.96 2.79 -3.82
N ALA A 65 21.75 2.17 -4.68
CA ALA A 65 23.21 2.32 -4.62
C ALA A 65 23.65 3.75 -4.86
N GLN A 66 23.00 4.44 -5.81
CA GLN A 66 23.35 5.82 -6.10
C GLN A 66 23.13 6.77 -4.93
N GLU A 67 22.08 6.51 -4.16
CA GLU A 67 21.70 7.33 -3.01
C GLU A 67 22.26 6.84 -1.68
N GLY A 68 22.89 5.67 -1.70
CA GLY A 68 23.47 5.07 -0.50
C GLY A 68 22.37 4.61 0.48
N LEU A 69 21.26 4.11 -0.07
CA LEU A 69 20.13 3.70 0.73
C LEU A 69 19.95 2.20 0.78
N PHE A 70 19.26 1.73 1.82
CA PHE A 70 18.94 0.31 1.96
C PHE A 70 17.43 0.28 2.17
N GLN A 71 16.75 -0.67 1.53
CA GLN A 71 15.31 -0.79 1.64
C GLN A 71 14.86 -2.18 2.11
N PHE A 72 13.85 -2.21 2.97
CA PHE A 72 13.32 -3.49 3.48
C PHE A 72 11.81 -3.41 3.68
N PRO A 73 11.12 -4.51 3.38
CA PRO A 73 9.67 -4.59 3.50
C PRO A 73 9.22 -4.81 4.95
N THR A 74 8.01 -4.33 5.27
CA THR A 74 7.47 -4.49 6.62
C THR A 74 6.23 -5.39 6.72
N VAL A 75 5.17 -5.04 5.99
CA VAL A 75 3.91 -5.79 6.03
C VAL A 75 3.30 -5.88 4.66
N ILE A 76 2.24 -6.66 4.54
CA ILE A 76 1.53 -6.84 3.28
C ILE A 76 0.10 -6.33 3.42
N GLY A 77 -0.31 -5.38 2.58
CA GLY A 77 -1.68 -4.88 2.63
C GLY A 77 -2.38 -5.08 1.31
N GLY A 78 -3.57 -4.54 1.16
CA GLY A 78 -4.27 -4.69 -0.09
C GLY A 78 -5.01 -3.40 -0.40
N VAL A 79 -5.18 -3.08 -1.67
CA VAL A 79 -5.87 -1.89 -2.09
C VAL A 79 -7.27 -2.32 -2.49
N VAL A 80 -8.31 -1.61 -2.01
CA VAL A 80 -9.68 -1.96 -2.36
C VAL A 80 -10.37 -0.75 -3.00
N LEU A 81 -11.50 -1.00 -3.63
CA LEU A 81 -12.28 0.07 -4.23
C LEU A 81 -13.43 0.35 -3.29
N ALA A 82 -13.39 1.49 -2.60
CA ALA A 82 -14.44 1.90 -1.69
C ALA A 82 -15.49 2.59 -2.54
N VAL A 83 -16.77 2.27 -2.33
CA VAL A 83 -17.83 2.84 -3.12
C VAL A 83 -18.94 3.40 -2.23
N ASN A 84 -19.65 4.40 -2.73
CA ASN A 84 -20.78 4.98 -2.03
C ASN A 84 -21.95 4.89 -3.04
N ILE A 85 -22.63 3.77 -3.02
CA ILE A 85 -23.73 3.56 -3.93
C ILE A 85 -24.92 3.31 -3.03
N PRO A 86 -25.96 4.12 -3.12
CA PRO A 86 -27.16 3.96 -2.27
C PRO A 86 -27.92 2.63 -2.43
N GLY A 87 -28.13 1.97 -1.30
CA GLY A 87 -28.84 0.69 -1.34
C GLY A 87 -27.98 -0.52 -1.59
N LEU A 88 -26.68 -0.33 -1.77
CA LEU A 88 -25.78 -1.45 -2.00
C LEU A 88 -25.00 -1.72 -0.73
N LYS A 89 -24.80 -3.00 -0.44
CA LYS A 89 -24.06 -3.35 0.75
C LYS A 89 -22.60 -3.67 0.42
N SER A 90 -21.77 -3.62 1.45
CA SER A 90 -20.36 -3.87 1.30
C SER A 90 -20.15 -5.30 0.83
N GLY A 91 -19.27 -5.49 -0.15
CA GLY A 91 -18.97 -6.81 -0.65
C GLY A 91 -19.95 -7.37 -1.67
N GLU A 92 -21.05 -6.67 -1.94
CA GLU A 92 -22.01 -7.21 -2.91
C GLU A 92 -21.57 -7.05 -4.39
N LEU A 93 -21.06 -5.88 -4.72
CA LEU A 93 -20.66 -5.59 -6.08
C LEU A 93 -19.35 -6.29 -6.43
N VAL A 94 -19.28 -6.78 -7.67
CA VAL A 94 -18.10 -7.42 -8.20
C VAL A 94 -17.65 -6.66 -9.46
N LEU A 95 -16.36 -6.37 -9.55
CA LEU A 95 -15.80 -5.72 -10.73
C LEU A 95 -14.63 -6.58 -11.21
N ASP A 96 -14.28 -6.48 -12.48
CA ASP A 96 -13.10 -7.17 -13.01
C ASP A 96 -12.09 -6.06 -13.36
N GLY A 97 -10.87 -6.42 -13.70
CA GLY A 97 -9.87 -5.41 -14.01
C GLY A 97 -10.20 -4.56 -15.23
N LYS A 98 -10.66 -5.20 -16.29
CA LYS A 98 -11.00 -4.49 -17.51
C LYS A 98 -12.01 -3.40 -17.21
N THR A 99 -13.13 -3.76 -16.63
CA THR A 99 -14.19 -2.82 -16.33
C THR A 99 -13.76 -1.69 -15.40
N LEU A 100 -12.96 -2.04 -14.41
CA LEU A 100 -12.46 -1.04 -13.45
C LEU A 100 -11.63 0.00 -14.23
N GLY A 101 -10.77 -0.47 -15.14
CA GLY A 101 -9.99 0.44 -15.97
C GLY A 101 -10.90 1.35 -16.82
N ASP A 102 -11.97 0.79 -17.38
CA ASP A 102 -12.90 1.60 -18.20
C ASP A 102 -13.63 2.64 -17.34
N ILE A 103 -13.79 2.36 -16.07
CA ILE A 103 -14.40 3.33 -15.20
C ILE A 103 -13.40 4.48 -15.02
N TYR A 104 -12.15 4.14 -14.74
CA TYR A 104 -11.16 5.19 -14.52
C TYR A 104 -10.78 5.94 -15.78
N LEU A 105 -11.08 5.35 -16.94
CA LEU A 105 -10.82 5.99 -18.24
C LEU A 105 -11.95 6.97 -18.58
N GLY A 106 -13.07 6.83 -17.89
CA GLY A 106 -14.22 7.68 -18.12
C GLY A 106 -15.14 7.06 -19.16
N LYS A 107 -14.84 5.83 -19.57
CA LYS A 107 -15.62 5.11 -20.57
C LYS A 107 -16.98 4.71 -20.03
N ILE A 108 -17.02 4.34 -18.75
CA ILE A 108 -18.27 3.93 -18.08
C ILE A 108 -18.67 5.07 -17.16
N LYS A 109 -19.86 5.62 -17.33
CA LYS A 109 -20.29 6.76 -16.52
C LYS A 109 -21.43 6.59 -15.53
N LYS A 110 -22.19 5.49 -15.62
CA LYS A 110 -23.28 5.27 -14.66
C LYS A 110 -23.16 3.87 -14.07
N TRP A 111 -23.60 3.74 -12.82
CA TRP A 111 -23.55 2.50 -12.07
C TRP A 111 -24.37 1.35 -12.66
N ASP A 112 -25.39 1.65 -13.46
CA ASP A 112 -26.18 0.59 -14.09
C ASP A 112 -25.76 0.29 -15.53
N ASP A 113 -24.53 0.67 -15.89
CA ASP A 113 -24.02 0.40 -17.22
C ASP A 113 -23.99 -1.13 -17.44
N GLU A 114 -24.35 -1.53 -18.65
CA GLU A 114 -24.43 -2.92 -19.07
C GLU A 114 -23.22 -3.75 -18.70
N ALA A 115 -22.04 -3.15 -18.84
CA ALA A 115 -20.81 -3.84 -18.49
C ALA A 115 -20.77 -4.19 -16.99
N ILE A 116 -21.37 -3.35 -16.17
CA ILE A 116 -21.36 -3.61 -14.75
C ILE A 116 -22.47 -4.58 -14.41
N ALA A 117 -23.62 -4.40 -15.04
CA ALA A 117 -24.76 -5.27 -14.80
C ALA A 117 -24.47 -6.74 -15.14
N LYS A 118 -23.78 -6.98 -16.24
CA LYS A 118 -23.48 -8.34 -16.65
C LYS A 118 -22.54 -9.03 -15.67
N LEU A 119 -21.76 -8.25 -14.94
CA LEU A 119 -20.86 -8.82 -13.95
C LEU A 119 -21.64 -9.08 -12.64
N ASN A 120 -22.77 -8.37 -12.46
CA ASN A 120 -23.60 -8.48 -11.25
C ASN A 120 -25.07 -8.79 -11.55
N PRO A 121 -25.34 -9.95 -12.16
CA PRO A 121 -26.69 -10.39 -12.55
C PRO A 121 -27.85 -10.27 -11.53
N GLY A 122 -27.64 -10.67 -10.29
CA GLY A 122 -28.71 -10.55 -9.32
C GLY A 122 -28.97 -9.14 -8.79
N LEU A 123 -28.08 -8.21 -9.12
CA LEU A 123 -28.17 -6.85 -8.62
C LEU A 123 -29.05 -5.85 -9.34
N LYS A 124 -29.74 -5.05 -8.54
CA LYS A 124 -30.57 -3.99 -9.08
C LYS A 124 -29.70 -2.75 -8.90
N LEU A 125 -28.90 -2.42 -9.92
CA LEU A 125 -28.00 -1.27 -9.88
C LEU A 125 -28.75 0.02 -10.17
N PRO A 126 -28.39 1.09 -9.46
CA PRO A 126 -29.03 2.40 -9.65
C PRO A 126 -28.42 3.13 -10.84
N SER A 127 -29.20 3.99 -11.46
CA SER A 127 -28.69 4.75 -12.59
C SER A 127 -28.11 6.01 -11.99
N GLN A 128 -27.11 5.81 -11.14
CA GLN A 128 -26.42 6.89 -10.44
C GLN A 128 -25.12 7.14 -11.21
N ASN A 129 -24.75 8.40 -11.41
CA ASN A 129 -23.51 8.67 -12.11
C ASN A 129 -22.38 8.28 -11.20
N ILE A 130 -21.30 7.85 -11.82
CA ILE A 130 -20.09 7.45 -11.10
C ILE A 130 -19.21 8.68 -10.87
N ALA A 131 -18.83 8.96 -9.63
CA ALA A 131 -17.91 10.05 -9.31
C ALA A 131 -16.58 9.36 -9.02
N VAL A 132 -15.62 9.47 -9.93
CA VAL A 132 -14.30 8.87 -9.76
C VAL A 132 -13.38 9.73 -8.86
N VAL A 133 -12.74 9.10 -7.89
CA VAL A 133 -11.86 9.81 -6.98
C VAL A 133 -10.48 9.18 -7.09
N ARG A 134 -9.43 10.00 -7.12
CA ARG A 134 -8.07 9.49 -7.23
C ARG A 134 -7.14 10.36 -6.39
N ARG A 135 -5.86 9.99 -6.30
CA ARG A 135 -4.92 10.75 -5.47
C ARG A 135 -4.42 12.03 -6.11
N ALA A 136 -4.33 13.09 -5.31
CA ALA A 136 -3.81 14.37 -5.79
C ALA A 136 -2.32 14.46 -5.53
N ASP A 137 -1.83 13.66 -4.58
CA ASP A 137 -0.42 13.67 -4.17
C ASP A 137 0.38 12.48 -4.73
N GLY A 138 1.71 12.61 -4.77
CA GLY A 138 2.59 11.54 -5.23
C GLY A 138 2.36 10.38 -4.29
N SER A 139 1.90 9.25 -4.84
CA SER A 139 1.49 8.13 -4.02
C SER A 139 1.92 6.71 -4.43
N GLY A 140 2.38 5.94 -3.45
CA GLY A 140 2.75 4.56 -3.65
C GLY A 140 1.46 3.77 -3.88
N THR A 141 0.34 4.17 -3.27
CA THR A 141 -0.92 3.46 -3.52
C THR A 141 -1.31 3.67 -5.02
N SER A 142 -1.10 4.87 -5.54
CA SER A 142 -1.36 5.11 -6.95
C SER A 142 -0.46 4.21 -7.80
N PHE A 143 0.79 4.05 -7.38
CA PHE A 143 1.73 3.21 -8.09
C PHE A 143 1.23 1.75 -8.22
N VAL A 144 0.79 1.20 -7.10
CA VAL A 144 0.27 -0.15 -7.05
C VAL A 144 -1.00 -0.29 -7.91
N PHE A 145 -1.91 0.66 -7.72
CA PHE A 145 -3.17 0.64 -8.44
C PHE A 145 -2.97 0.76 -9.99
N THR A 146 -2.11 1.69 -10.44
CA THR A 146 -1.87 1.86 -11.88
C THR A 146 -1.04 0.70 -12.46
N SER A 147 -0.21 0.07 -11.63
CA SER A 147 0.55 -1.11 -12.03
C SER A 147 -0.45 -2.21 -12.34
N TYR A 148 -1.49 -2.31 -11.52
CA TYR A 148 -2.53 -3.31 -11.74
C TYR A 148 -3.37 -3.03 -13.02
N LEU A 149 -3.84 -1.79 -13.16
CA LEU A 149 -4.66 -1.41 -14.30
C LEU A 149 -3.92 -1.58 -15.64
N ALA A 150 -2.63 -1.28 -15.67
CA ALA A 150 -1.88 -1.42 -16.91
C ALA A 150 -1.83 -2.90 -17.34
N LYS A 151 -1.93 -3.83 -16.39
CA LYS A 151 -1.92 -5.28 -16.71
C LYS A 151 -3.28 -5.78 -17.24
N VAL A 152 -4.37 -5.15 -16.81
CA VAL A 152 -5.70 -5.62 -17.20
C VAL A 152 -6.47 -4.73 -18.18
N ASN A 153 -5.91 -3.59 -18.54
CA ASN A 153 -6.60 -2.71 -19.47
C ASN A 153 -5.55 -2.05 -20.41
N GLU A 154 -5.48 -2.59 -21.62
CA GLU A 154 -4.54 -2.13 -22.61
C GLU A 154 -4.64 -0.64 -22.94
N GLU A 155 -5.86 -0.11 -22.98
CA GLU A 155 -6.04 1.31 -23.25
C GLU A 155 -5.44 2.12 -22.09
N TRP A 156 -5.57 1.61 -20.87
CA TRP A 156 -5.01 2.30 -19.73
C TRP A 156 -3.51 2.26 -19.86
N LYS A 157 -2.97 1.09 -20.14
CA LYS A 157 -1.55 0.91 -20.28
C LYS A 157 -0.94 1.83 -21.35
N ASN A 158 -1.58 1.89 -22.51
CA ASN A 158 -1.08 2.70 -23.62
C ASN A 158 -1.25 4.19 -23.45
N ASN A 159 -2.31 4.61 -22.80
CA ASN A 159 -2.57 6.01 -22.69
C ASN A 159 -2.21 6.73 -21.40
N VAL A 160 -2.28 6.05 -20.28
CA VAL A 160 -1.94 6.72 -19.04
C VAL A 160 -0.75 6.10 -18.36
N GLY A 161 -0.64 4.78 -18.45
CA GLY A 161 0.50 4.08 -17.85
C GLY A 161 0.53 3.86 -16.35
N THR A 162 1.73 3.68 -15.82
CA THR A 162 1.96 3.39 -14.41
C THR A 162 2.83 4.48 -13.75
N GLY A 163 2.61 4.75 -12.47
CA GLY A 163 3.42 5.72 -11.79
C GLY A 163 2.81 6.16 -10.49
N SER A 164 3.60 6.86 -9.68
CA SER A 164 3.15 7.43 -8.41
C SER A 164 2.29 8.68 -8.70
N THR A 165 2.47 9.26 -9.90
CA THR A 165 1.69 10.42 -10.36
C THR A 165 1.49 10.14 -11.86
N VAL A 166 0.26 10.24 -12.36
CA VAL A 166 -0.01 10.02 -13.80
C VAL A 166 -1.00 11.12 -14.21
N LYS A 167 -1.28 11.20 -15.52
CA LYS A 167 -2.25 12.18 -16.01
C LYS A 167 -3.59 11.45 -16.01
N TRP A 168 -4.35 11.65 -14.95
CA TRP A 168 -5.63 10.95 -14.80
C TRP A 168 -6.64 11.46 -15.79
N PRO A 169 -7.24 10.55 -16.55
CA PRO A 169 -8.27 10.91 -17.54
C PRO A 169 -9.46 11.70 -16.95
N ILE A 170 -9.92 11.29 -15.76
CA ILE A 170 -11.03 11.92 -15.05
C ILE A 170 -10.88 11.70 -13.55
N GLY A 171 -11.75 12.37 -12.79
CA GLY A 171 -11.77 12.22 -11.35
C GLY A 171 -11.26 13.38 -10.50
N LEU A 172 -11.79 13.46 -9.29
CA LEU A 172 -11.45 14.47 -8.30
C LEU A 172 -10.23 13.99 -7.50
N GLY A 173 -9.38 14.91 -7.06
CA GLY A 173 -8.20 14.51 -6.31
C GLY A 173 -8.34 14.63 -4.82
N GLY A 174 -7.94 13.57 -4.12
CA GLY A 174 -7.97 13.54 -2.66
C GLY A 174 -6.53 13.40 -2.18
N LYS A 175 -6.19 14.00 -1.04
CA LYS A 175 -4.86 13.93 -0.49
C LYS A 175 -4.72 12.81 0.55
N GLY A 176 -3.80 11.87 0.28
CA GLY A 176 -3.56 10.75 1.18
C GLY A 176 -4.68 9.72 1.12
N ASN A 177 -4.45 8.56 1.71
CA ASN A 177 -5.48 7.53 1.75
C ASN A 177 -6.68 8.07 2.54
N ASP A 178 -6.40 8.86 3.56
CA ASP A 178 -7.47 9.42 4.38
C ASP A 178 -8.32 10.37 3.55
N GLY A 179 -7.69 11.13 2.66
CA GLY A 179 -8.41 12.07 1.81
C GLY A 179 -9.39 11.35 0.90
N ILE A 180 -8.97 10.23 0.32
CA ILE A 180 -9.86 9.51 -0.57
C ILE A 180 -11.05 8.93 0.21
N ALA A 181 -10.79 8.42 1.42
CA ALA A 181 -11.86 7.87 2.26
C ALA A 181 -12.92 8.94 2.57
N ALA A 182 -12.47 10.15 2.90
CA ALA A 182 -13.38 11.25 3.20
C ALA A 182 -14.24 11.65 1.99
N PHE A 183 -13.65 11.67 0.80
CA PHE A 183 -14.37 11.98 -0.41
C PHE A 183 -15.46 10.96 -0.68
N VAL A 184 -15.13 9.66 -0.65
CA VAL A 184 -16.13 8.62 -0.93
C VAL A 184 -17.32 8.70 0.01
N GLN A 185 -17.02 8.96 1.26
CA GLN A 185 -17.99 9.07 2.32
C GLN A 185 -18.95 10.20 2.04
N ARG A 186 -18.44 11.30 1.48
CA ARG A 186 -19.27 12.46 1.22
C ARG A 186 -19.87 12.55 -0.17
N LEU A 187 -19.45 11.71 -1.10
CA LEU A 187 -20.01 11.77 -2.44
C LEU A 187 -20.85 10.59 -2.90
N PRO A 188 -22.18 10.75 -2.96
CA PRO A 188 -23.03 9.64 -3.41
C PRO A 188 -22.63 9.28 -4.84
N GLY A 189 -22.38 7.99 -5.08
CA GLY A 189 -21.95 7.53 -6.39
C GLY A 189 -20.42 7.44 -6.59
N ALA A 190 -19.67 7.81 -5.56
CA ALA A 190 -18.21 7.80 -5.63
C ALA A 190 -17.54 6.42 -5.61
N ILE A 191 -16.39 6.33 -6.27
CA ILE A 191 -15.52 5.14 -6.24
C ILE A 191 -14.10 5.68 -6.02
N GLY A 192 -13.34 5.11 -5.08
CA GLY A 192 -11.99 5.59 -4.85
C GLY A 192 -11.15 4.42 -4.36
N TYR A 193 -9.85 4.43 -4.67
CA TYR A 193 -9.00 3.31 -4.23
C TYR A 193 -8.32 3.66 -2.92
N VAL A 194 -8.36 2.76 -1.94
CA VAL A 194 -7.71 3.00 -0.65
C VAL A 194 -7.14 1.70 -0.10
N GLU A 195 -6.16 1.80 0.79
CA GLU A 195 -5.61 0.62 1.44
C GLU A 195 -6.78 0.16 2.33
N TYR A 196 -6.99 -1.16 2.39
CA TYR A 196 -8.12 -1.77 3.13
C TYR A 196 -8.48 -1.19 4.49
N ALA A 197 -7.48 -1.03 5.38
CA ALA A 197 -7.69 -0.47 6.73
C ALA A 197 -8.52 0.85 6.68
N TYR A 198 -8.27 1.69 5.69
CA TYR A 198 -9.01 2.95 5.55
C TYR A 198 -10.50 2.76 5.24
N ALA A 199 -10.86 1.72 4.52
CA ALA A 199 -12.27 1.46 4.21
C ALA A 199 -12.94 0.85 5.45
N LYS A 200 -12.27 -0.11 6.07
CA LYS A 200 -12.80 -0.78 7.24
C LYS A 200 -12.98 0.20 8.43
N GLN A 201 -11.94 0.96 8.71
CA GLN A 201 -12.00 1.90 9.81
C GLN A 201 -13.03 3.01 9.63
N ASN A 202 -13.36 3.35 8.39
CA ASN A 202 -14.32 4.41 8.14
C ASN A 202 -15.70 3.85 7.76
N ASN A 203 -15.86 2.54 7.88
CA ASN A 203 -17.13 1.88 7.55
C ASN A 203 -17.59 2.13 6.13
N LEU A 204 -16.66 2.11 5.19
CA LEU A 204 -17.00 2.31 3.80
C LEU A 204 -17.29 0.97 3.15
N ALA A 205 -18.23 0.97 2.21
CA ALA A 205 -18.56 -0.25 1.47
C ALA A 205 -17.44 -0.44 0.45
N TYR A 206 -17.11 -1.67 0.09
CA TYR A 206 -16.09 -1.92 -0.91
C TYR A 206 -16.57 -3.03 -1.79
N THR A 207 -15.88 -3.28 -2.90
CA THR A 207 -16.29 -4.33 -3.82
C THR A 207 -15.39 -5.57 -3.70
N LYS A 208 -15.82 -6.64 -4.39
CA LYS A 208 -15.02 -7.85 -4.52
C LYS A 208 -14.36 -7.59 -5.89
N LEU A 209 -13.37 -8.39 -6.24
CA LEU A 209 -12.73 -8.25 -7.54
C LEU A 209 -12.54 -9.66 -8.04
N ILE A 210 -12.38 -9.78 -9.35
CA ILE A 210 -12.12 -11.07 -9.95
C ILE A 210 -10.60 -11.27 -10.00
N SER A 211 -10.16 -12.37 -9.43
CA SER A 211 -8.75 -12.71 -9.37
C SER A 211 -8.12 -12.94 -10.74
N ALA A 212 -6.80 -13.09 -10.75
CA ALA A 212 -6.06 -13.38 -11.96
C ALA A 212 -6.59 -14.70 -12.53
N ASP A 213 -6.96 -15.62 -11.63
CA ASP A 213 -7.50 -16.93 -12.01
C ASP A 213 -8.96 -16.94 -12.49
N GLY A 214 -9.67 -15.83 -12.33
CA GLY A 214 -11.03 -15.79 -12.81
C GLY A 214 -12.12 -15.98 -11.78
N LYS A 215 -11.77 -15.87 -10.51
CA LYS A 215 -12.76 -16.04 -9.47
C LYS A 215 -12.97 -14.75 -8.69
N PRO A 216 -14.20 -14.53 -8.20
CA PRO A 216 -14.53 -13.34 -7.40
C PRO A 216 -13.88 -13.61 -6.04
N VAL A 217 -13.17 -12.64 -5.48
CA VAL A 217 -12.55 -12.85 -4.16
C VAL A 217 -12.81 -11.62 -3.30
N SER A 218 -12.84 -11.84 -1.99
CA SER A 218 -13.03 -10.77 -1.03
C SER A 218 -11.69 -10.26 -0.52
N PRO A 219 -11.65 -8.98 -0.10
CA PRO A 219 -10.40 -8.43 0.43
C PRO A 219 -10.37 -8.76 1.93
N THR A 220 -9.43 -9.62 2.30
CA THR A 220 -9.23 -10.03 3.69
C THR A 220 -7.72 -10.16 3.88
N GLU A 221 -7.28 -10.18 5.14
CA GLU A 221 -5.86 -10.31 5.44
C GLU A 221 -5.31 -11.58 4.81
N GLU A 222 -6.07 -12.67 4.88
CA GLU A 222 -5.65 -13.97 4.34
C GLU A 222 -5.50 -13.93 2.83
N ASN A 223 -6.42 -13.22 2.16
CA ASN A 223 -6.37 -13.11 0.72
C ASN A 223 -5.23 -12.21 0.23
N PHE A 224 -4.83 -11.25 1.05
CA PHE A 224 -3.68 -10.43 0.73
C PHE A 224 -2.46 -11.37 0.84
N ALA A 225 -2.41 -12.14 1.93
CA ALA A 225 -1.31 -13.08 2.15
C ALA A 225 -1.21 -14.09 1.00
N ASN A 226 -2.36 -14.56 0.53
CA ASN A 226 -2.41 -15.53 -0.56
C ASN A 226 -1.75 -15.01 -1.82
N ALA A 227 -1.92 -13.73 -2.11
CA ALA A 227 -1.31 -13.13 -3.29
C ALA A 227 0.21 -13.20 -3.22
N ALA A 228 0.76 -13.25 -2.00
CA ALA A 228 2.19 -13.27 -1.80
C ALA A 228 2.80 -14.65 -1.67
N LYS A 229 1.97 -15.68 -1.60
CA LYS A 229 2.49 -17.04 -1.43
C LYS A 229 3.51 -17.46 -2.48
N GLY A 230 3.40 -16.96 -3.70
CA GLY A 230 4.35 -17.34 -4.74
C GLY A 230 5.53 -16.39 -5.02
N ALA A 231 5.78 -15.45 -4.11
CA ALA A 231 6.86 -14.50 -4.33
C ALA A 231 8.18 -15.14 -3.94
N ASP A 232 9.21 -14.99 -4.77
CA ASP A 232 10.50 -15.57 -4.45
C ASP A 232 11.29 -14.47 -3.75
N TRP A 233 11.05 -14.31 -2.46
CA TRP A 233 11.72 -13.28 -1.69
C TRP A 233 13.23 -13.43 -1.69
N SER A 234 13.71 -14.66 -1.81
CA SER A 234 15.14 -14.90 -1.83
C SER A 234 15.81 -14.17 -2.99
N LYS A 235 15.06 -13.91 -4.06
CA LYS A 235 15.58 -13.21 -5.23
C LYS A 235 15.63 -11.70 -4.99
N THR A 236 14.54 -11.15 -4.48
CA THR A 236 14.50 -9.73 -4.24
C THR A 236 13.30 -9.38 -3.35
N PHE A 237 13.45 -8.33 -2.54
CA PHE A 237 12.37 -7.81 -1.67
C PHE A 237 11.38 -7.01 -2.52
N ALA A 238 11.82 -6.53 -3.69
CA ALA A 238 10.96 -5.70 -4.55
C ALA A 238 10.01 -6.55 -5.38
N GLN A 239 9.05 -7.16 -4.71
CA GLN A 239 8.07 -8.03 -5.33
C GLN A 239 6.82 -7.33 -5.83
N ASP A 240 6.36 -7.72 -7.01
CA ASP A 240 5.16 -7.20 -7.61
C ASP A 240 4.10 -8.20 -7.19
N LEU A 241 3.15 -7.76 -6.40
CA LEU A 241 2.11 -8.68 -5.95
C LEU A 241 0.75 -8.39 -6.56
N THR A 242 0.74 -7.70 -7.70
CA THR A 242 -0.53 -7.40 -8.35
C THR A 242 -0.89 -8.49 -9.35
N ASN A 243 -2.18 -8.76 -9.45
CA ASN A 243 -2.72 -9.76 -10.38
C ASN A 243 -1.97 -11.09 -10.38
N GLN A 244 -1.84 -11.65 -9.20
CA GLN A 244 -1.14 -12.91 -9.04
C GLN A 244 -2.09 -14.09 -9.13
N LYS A 245 -1.57 -15.20 -9.64
CA LYS A 245 -2.36 -16.45 -9.78
C LYS A 245 -2.52 -17.15 -8.43
N GLY A 246 -3.50 -18.02 -8.35
CA GLY A 246 -3.72 -18.75 -7.12
C GLY A 246 -5.09 -18.56 -6.55
N GLU A 247 -5.54 -19.54 -5.75
CA GLU A 247 -6.86 -19.49 -5.11
C GLU A 247 -6.89 -18.35 -4.07
N ASP A 248 -7.97 -17.58 -4.12
CA ASP A 248 -8.19 -16.48 -3.20
C ASP A 248 -7.05 -15.48 -3.10
N ALA A 249 -6.46 -15.17 -4.24
CA ALA A 249 -5.38 -14.20 -4.27
C ALA A 249 -5.99 -12.82 -4.58
N TRP A 250 -5.98 -11.91 -3.61
CA TRP A 250 -6.50 -10.56 -3.85
C TRP A 250 -5.66 -9.94 -4.99
N PRO A 251 -6.32 -9.47 -6.08
CA PRO A 251 -5.56 -8.89 -7.20
C PRO A 251 -4.77 -7.61 -7.01
N ILE A 252 -5.12 -6.77 -6.04
CA ILE A 252 -4.36 -5.53 -5.82
C ILE A 252 -3.68 -5.58 -4.46
N THR A 253 -2.63 -6.37 -4.37
CA THR A 253 -1.92 -6.52 -3.12
C THR A 253 -0.56 -5.88 -3.24
N SER A 254 0.06 -5.54 -2.11
CA SER A 254 1.38 -4.93 -2.14
C SER A 254 2.02 -4.95 -0.77
N THR A 255 3.34 -5.05 -0.75
CA THR A 255 4.06 -4.93 0.50
C THR A 255 4.42 -3.43 0.54
N THR A 256 5.29 -3.03 1.47
CA THR A 256 5.66 -1.62 1.62
C THR A 256 7.04 -1.56 2.27
N PHE A 257 7.78 -0.50 1.98
CA PHE A 257 9.17 -0.42 2.36
C PHE A 257 9.62 0.72 3.25
N ILE A 258 10.71 0.46 3.97
CA ILE A 258 11.33 1.48 4.81
C ILE A 258 12.70 1.70 4.16
N LEU A 259 13.12 2.96 4.09
CA LEU A 259 14.39 3.32 3.50
C LEU A 259 15.22 4.00 4.57
N ILE A 260 16.46 3.57 4.70
CA ILE A 260 17.40 4.19 5.66
C ILE A 260 18.76 4.28 4.95
N HIS A 261 19.63 5.15 5.45
CA HIS A 261 20.96 5.28 4.89
C HIS A 261 21.88 4.14 5.34
N LYS A 262 22.73 3.69 4.43
CA LYS A 262 23.67 2.63 4.75
C LYS A 262 24.82 3.17 5.61
N ASP A 263 25.28 4.39 5.34
CA ASP A 263 26.36 5.01 6.14
C ASP A 263 25.65 5.96 7.10
N GLN A 264 25.50 5.53 8.34
CA GLN A 264 24.80 6.29 9.35
C GLN A 264 25.70 7.31 10.00
N LYS A 265 25.38 8.58 9.80
CA LYS A 265 26.19 9.62 10.42
C LYS A 265 25.82 9.76 11.89
N LYS A 266 24.57 9.47 12.23
CA LYS A 266 24.07 9.52 13.62
C LYS A 266 23.74 8.06 13.95
N PRO A 267 24.76 7.25 14.25
CA PRO A 267 24.65 5.83 14.58
C PRO A 267 23.68 5.49 15.69
N GLU A 268 23.59 6.36 16.69
CA GLU A 268 22.65 6.13 17.79
C GLU A 268 21.22 6.11 17.23
N GLN A 269 20.92 7.07 16.35
CA GLN A 269 19.62 7.14 15.70
C GLN A 269 19.40 5.87 14.88
N GLY A 270 20.40 5.53 14.07
CA GLY A 270 20.32 4.35 13.22
C GLY A 270 20.06 3.08 14.01
N THR A 271 20.78 2.94 15.13
CA THR A 271 20.62 1.77 15.99
C THR A 271 19.21 1.64 16.55
N GLU A 272 18.64 2.78 16.94
CA GLU A 272 17.29 2.78 17.51
C GLU A 272 16.23 2.49 16.44
N VAL A 273 16.48 2.91 15.20
CA VAL A 273 15.52 2.63 14.13
C VAL A 273 15.47 1.12 13.90
N LEU A 274 16.62 0.47 13.87
CA LEU A 274 16.63 -0.97 13.65
C LEU A 274 15.98 -1.70 14.83
N LYS A 275 16.20 -1.20 16.04
CA LYS A 275 15.58 -1.85 17.21
C LYS A 275 14.04 -1.79 17.19
N PHE A 276 13.51 -0.67 16.72
CA PHE A 276 12.07 -0.50 16.64
C PHE A 276 11.53 -1.49 15.63
N PHE A 277 12.11 -1.56 14.42
CA PHE A 277 11.60 -2.50 13.41
C PHE A 277 11.80 -3.95 13.79
N ASP A 278 12.91 -4.25 14.47
CA ASP A 278 13.15 -5.63 14.92
C ASP A 278 12.06 -6.02 15.93
N TRP A 279 11.74 -5.09 16.82
CA TRP A 279 10.71 -5.30 17.84
C TRP A 279 9.36 -5.54 17.17
N ALA A 280 9.08 -4.80 16.10
CA ALA A 280 7.82 -4.94 15.37
C ALA A 280 7.73 -6.32 14.73
N TYR A 281 8.84 -6.80 14.20
CA TYR A 281 8.85 -8.13 13.59
C TYR A 281 8.64 -9.20 14.67
N LYS A 282 9.32 -9.04 15.81
CA LYS A 282 9.22 -10.02 16.90
C LYS A 282 7.90 -10.02 17.65
N THR A 283 7.36 -8.83 17.93
CA THR A 283 6.14 -8.70 18.71
C THR A 283 4.93 -8.02 18.08
N GLY A 284 5.10 -7.32 16.97
CA GLY A 284 3.99 -6.58 16.40
C GLY A 284 3.03 -7.26 15.47
N ALA A 285 3.18 -8.56 15.25
CA ALA A 285 2.28 -9.27 14.32
C ALA A 285 0.78 -9.19 14.62
N LYS A 286 0.42 -9.35 15.89
CA LYS A 286 -0.95 -9.29 16.32
C LYS A 286 -1.57 -7.92 15.99
N GLN A 287 -0.83 -6.84 16.24
CA GLN A 287 -1.35 -5.51 15.93
C GLN A 287 -1.51 -5.31 14.41
N ALA A 288 -0.60 -5.86 13.62
CA ALA A 288 -0.72 -5.76 12.17
C ALA A 288 -1.96 -6.55 11.74
N ASN A 289 -2.16 -7.73 12.30
CA ASN A 289 -3.33 -8.54 11.92
C ASN A 289 -4.66 -7.92 12.37
N ASP A 290 -4.65 -7.23 13.51
CA ASP A 290 -5.84 -6.56 13.99
C ASP A 290 -6.27 -5.54 12.96
N LEU A 291 -5.28 -4.93 12.28
CA LEU A 291 -5.53 -3.91 11.26
C LEU A 291 -5.67 -4.51 9.83
N ASP A 292 -5.70 -5.83 9.76
CA ASP A 292 -5.83 -6.57 8.51
C ASP A 292 -4.65 -6.51 7.54
N TYR A 293 -3.44 -6.35 8.10
CA TYR A 293 -2.23 -6.38 7.29
C TYR A 293 -1.67 -7.77 7.53
N ALA A 294 -1.16 -8.44 6.49
CA ALA A 294 -0.56 -9.77 6.68
C ALA A 294 0.92 -9.59 7.03
N SER A 295 1.49 -10.51 7.80
CA SER A 295 2.89 -10.40 8.20
C SER A 295 3.77 -11.07 7.18
N LEU A 296 5.02 -10.65 7.10
CA LEU A 296 5.99 -11.29 6.22
C LEU A 296 6.38 -12.65 6.82
N PRO A 297 6.73 -13.63 5.96
CA PRO A 297 7.13 -14.94 6.46
C PRO A 297 8.42 -14.74 7.27
N ASP A 298 8.63 -15.62 8.23
CA ASP A 298 9.82 -15.57 9.06
C ASP A 298 11.13 -15.61 8.28
N SER A 299 11.12 -16.33 7.17
CA SER A 299 12.32 -16.45 6.34
C SER A 299 12.70 -15.08 5.80
N VAL A 300 11.69 -14.28 5.46
CA VAL A 300 11.94 -12.94 4.97
C VAL A 300 12.51 -12.04 6.07
N VAL A 301 11.98 -12.09 7.29
CA VAL A 301 12.55 -11.24 8.34
C VAL A 301 13.97 -11.65 8.67
N GLU A 302 14.28 -12.93 8.59
CA GLU A 302 15.65 -13.40 8.78
C GLU A 302 16.56 -12.83 7.67
N GLN A 303 16.07 -12.79 6.43
CA GLN A 303 16.85 -12.20 5.37
C GLN A 303 17.10 -10.72 5.68
N VAL A 304 16.07 -10.03 6.19
CA VAL A 304 16.22 -8.62 6.51
C VAL A 304 17.31 -8.43 7.59
N ARG A 305 17.25 -9.25 8.66
CA ARG A 305 18.24 -9.16 9.74
C ARG A 305 19.65 -9.39 9.22
N ALA A 306 19.81 -10.37 8.35
CA ALA A 306 21.11 -10.68 7.77
C ALA A 306 21.62 -9.48 6.97
N ALA A 307 20.75 -8.84 6.21
CA ALA A 307 21.12 -7.68 5.40
C ALA A 307 21.45 -6.44 6.25
N TRP A 308 20.75 -6.27 7.37
CA TRP A 308 21.05 -5.15 8.28
C TRP A 308 22.49 -5.26 8.73
N LYS A 309 22.90 -6.47 9.10
CA LYS A 309 24.27 -6.73 9.56
C LYS A 309 25.34 -6.37 8.56
N THR A 310 25.10 -6.71 7.30
CA THR A 310 26.05 -6.44 6.23
C THR A 310 26.03 -5.02 5.72
N ASN A 311 24.86 -4.41 5.70
CA ASN A 311 24.72 -3.08 5.13
C ASN A 311 24.71 -1.82 5.96
N ILE A 312 24.28 -1.91 7.21
CA ILE A 312 24.17 -0.70 8.01
C ILE A 312 25.36 -0.50 8.94
N LYS A 313 26.07 0.59 8.71
CA LYS A 313 27.28 0.90 9.46
C LYS A 313 27.48 2.38 9.74
N ASP A 314 28.39 2.66 10.66
CA ASP A 314 28.70 4.05 10.96
C ASP A 314 29.86 4.47 10.04
N SER A 315 30.23 5.73 10.10
CA SER A 315 31.30 6.27 9.27
C SER A 315 32.62 5.56 9.43
N SER A 316 32.73 4.72 10.46
CA SER A 316 33.94 3.96 10.72
C SER A 316 33.86 2.53 10.26
N GLY A 317 32.79 2.19 9.54
CA GLY A 317 32.64 0.83 9.05
C GLY A 317 32.10 -0.17 10.05
N LYS A 318 31.75 0.32 11.23
CA LYS A 318 31.23 -0.56 12.26
C LYS A 318 29.73 -0.79 12.04
N PRO A 319 29.31 -2.04 12.05
CA PRO A 319 27.92 -2.47 11.86
C PRO A 319 27.09 -1.95 13.00
N LEU A 320 25.86 -1.57 12.72
CA LEU A 320 24.99 -1.04 13.76
C LEU A 320 23.99 -2.06 14.30
N TYR A 321 24.06 -3.30 13.80
CA TYR A 321 23.15 -4.35 14.23
C TYR A 321 23.94 -5.67 14.26
P PO4 B . 0.87 6.31 -0.11
O1 PO4 B . 0.44 7.44 0.78
O2 PO4 B . -0.15 6.00 -1.18
O3 PO4 B . 2.18 6.66 -0.78
O4 PO4 B . 1.09 5.02 0.75
#